data_5OE7
#
_entry.id   5OE7
#
_cell.length_a   101.143
_cell.length_b   101.143
_cell.length_c   277.916
_cell.angle_alpha   90.00
_cell.angle_beta   90.00
_cell.angle_gamma   120.00
#
_symmetry.space_group_name_H-M   'H 3 2'
#
loop_
_entity.id
_entity.type
_entity.pdbx_description
1 polymer 'Ubiquitin thioesterase otulin'
2 polymer Polyubiquitin-C
#
loop_
_entity_poly.entity_id
_entity_poly.type
_entity_poly.pdbx_seq_one_letter_code
_entity_poly.pdbx_strand_id
1 'polypeptide(L)'
;GPLSVAPEMDIMDYCKKEWRGNTQKATCMKMGYEEVSQKFTSIRRVRGDNYCALRATLFQAMSQAVGLPPWLQDPELMLL
PEKLISKYNWIKQWKLGLKFDGKNEDLVDKIKESLTLLRKKWAGLAEMRTAEARQIACDELFTNEAEEYSLYEAVKFLML
NRAIELYNDKEKGKEVPFFSVLLFARDTSNDPGQLLRNHLNQVGHTGGLEQVEMFLLAYAVRHTIQVYRLSKYNTEEFIT
VYPTDPPKDWPVVTLIAEDDRHYNIPVRVCEET
;
A
2 'polypeptide(L)'
;MQIFVKTLTGKTITLEVEPSDTIENVKAKIQDKEGIPPDQQRLIFAGKQLEDGRTLSDYNIQKESTLHLVLRLRG(DHA)
MQIFVKTLTGKTITLEVEPSDTIENVKAKIQDKEGIPPDQQRLIFAGKQLEDGRTLSDYNIQKESTLHLV
;
B
#
# COMPACT_ATOMS: atom_id res chain seq x y z
N GLY A 1 3.92 -23.96 4.19
CA GLY A 1 4.33 -22.70 3.50
C GLY A 1 3.24 -21.93 2.75
N PRO A 2 2.81 -20.74 3.27
CA PRO A 2 1.81 -19.94 2.51
C PRO A 2 2.37 -19.13 1.37
N LEU A 3 2.28 -19.64 0.13
CA LEU A 3 3.03 -19.13 -1.01
C LEU A 3 2.96 -17.61 -1.25
N SER A 4 4.00 -17.09 -1.85
CA SER A 4 4.08 -15.63 -2.06
C SER A 4 3.01 -15.20 -3.02
N VAL A 5 2.93 -15.86 -4.17
CA VAL A 5 1.97 -15.50 -5.20
C VAL A 5 1.29 -16.79 -5.65
N ALA A 6 0.06 -16.95 -5.17
CA ALA A 6 -0.80 -18.09 -5.51
C ALA A 6 -1.09 -18.19 -7.01
N PRO A 7 -1.39 -19.40 -7.52
CA PRO A 7 -1.71 -19.54 -8.91
C PRO A 7 -3.04 -18.88 -9.29
N GLU A 8 -3.18 -18.73 -10.62
CA GLU A 8 -4.23 -17.88 -11.21
C GLU A 8 -5.57 -18.54 -10.96
N MET A 9 -6.52 -17.83 -10.41
CA MET A 9 -7.79 -18.37 -10.01
C MET A 9 -8.88 -17.55 -10.72
N ASP A 10 -9.92 -18.21 -11.19
CA ASP A 10 -10.88 -17.47 -11.97
C ASP A 10 -11.43 -16.42 -11.02
N ILE A 11 -11.38 -15.18 -11.50
CA ILE A 11 -11.78 -14.02 -10.74
C ILE A 11 -13.28 -14.10 -10.37
N MET A 12 -14.11 -14.47 -11.35
CA MET A 12 -15.54 -14.55 -11.05
C MET A 12 -15.86 -15.55 -9.93
N ASP A 13 -15.15 -16.69 -9.93
CA ASP A 13 -15.34 -17.66 -8.82
C ASP A 13 -14.83 -17.04 -7.57
N TYR A 14 -13.72 -16.32 -7.66
CA TYR A 14 -13.16 -15.61 -6.42
C TYR A 14 -14.08 -14.65 -5.67
N CYS A 15 -14.64 -13.67 -6.37
CA CYS A 15 -15.50 -12.73 -5.69
C CYS A 15 -16.69 -13.47 -5.10
N LYS A 16 -17.11 -14.56 -5.75
CA LYS A 16 -18.21 -15.41 -5.27
C LYS A 16 -17.82 -16.12 -3.97
N LYS A 17 -16.60 -16.64 -3.91
CA LYS A 17 -16.13 -17.26 -2.68
C LYS A 17 -16.05 -16.29 -1.48
N GLU A 18 -15.58 -15.08 -1.76
CA GLU A 18 -15.13 -14.15 -0.76
C GLU A 18 -16.14 -13.08 -0.34
N TRP A 19 -17.26 -12.96 -1.06
CA TRP A 19 -18.17 -11.86 -0.84
C TRP A 19 -19.57 -12.39 -0.77
N ARG A 20 -19.75 -13.28 0.20
CA ARG A 20 -20.93 -14.17 0.33
C ARG A 20 -21.85 -13.77 1.45
N GLY A 21 -21.51 -12.70 2.19
CA GLY A 21 -22.48 -12.15 3.17
C GLY A 21 -23.53 -11.35 2.44
N ASN A 22 -24.59 -10.96 3.16
CA ASN A 22 -25.72 -10.25 2.56
C ASN A 22 -25.49 -8.72 2.55
N THR A 23 -24.34 -8.25 3.02
CA THR A 23 -24.14 -6.87 3.35
C THR A 23 -24.18 -5.92 2.15
N GLN A 24 -24.51 -4.67 2.42
CA GLN A 24 -24.48 -3.66 1.35
C GLN A 24 -23.12 -3.55 0.76
N LYS A 25 -22.15 -3.55 1.66
CA LYS A 25 -20.75 -3.37 1.28
C LYS A 25 -20.38 -4.46 0.28
N ALA A 26 -20.78 -5.68 0.60
CA ALA A 26 -20.36 -6.85 -0.22
C ALA A 26 -20.77 -6.58 -1.66
N THR A 27 -21.96 -6.03 -1.84
CA THR A 27 -22.44 -5.76 -3.21
C THR A 27 -21.38 -4.93 -3.91
N CYS A 28 -20.88 -3.91 -3.22
CA CYS A 28 -19.98 -2.97 -3.91
C CYS A 28 -18.70 -3.74 -4.28
N MET A 29 -18.27 -4.64 -3.35
CA MET A 29 -17.18 -5.56 -3.72
C MET A 29 -17.46 -6.41 -4.96
N LYS A 30 -18.64 -7.02 -5.03
CA LYS A 30 -18.99 -7.83 -6.19
C LYS A 30 -18.88 -6.99 -7.47
N MET A 31 -19.51 -5.79 -7.46
CA MET A 31 -19.53 -4.93 -8.64
C MET A 31 -18.13 -4.48 -9.04
N GLY A 32 -17.33 -4.18 -8.00
CA GLY A 32 -15.90 -3.86 -8.20
C GLY A 32 -15.32 -5.00 -9.03
N TYR A 33 -15.31 -6.24 -8.52
CA TYR A 33 -14.78 -7.32 -9.28
C TYR A 33 -15.39 -7.44 -10.68
N GLU A 34 -16.69 -7.22 -10.85
CA GLU A 34 -17.32 -7.49 -12.14
C GLU A 34 -16.60 -6.61 -13.12
N GLU A 35 -16.48 -5.30 -12.80
CA GLU A 35 -15.78 -4.40 -13.72
C GLU A 35 -14.40 -4.98 -14.09
N VAL A 36 -13.56 -5.16 -13.08
CA VAL A 36 -12.22 -5.71 -13.28
C VAL A 36 -12.27 -6.91 -14.25
N SER A 37 -13.18 -7.81 -14.01
CA SER A 37 -13.17 -9.12 -14.71
C SER A 37 -13.43 -8.94 -16.22
N GLN A 38 -13.70 -7.72 -16.67
CA GLN A 38 -13.75 -7.47 -18.06
C GLN A 38 -12.37 -7.36 -18.68
N LYS A 39 -11.51 -6.57 -18.07
CA LYS A 39 -10.12 -6.65 -18.47
C LYS A 39 -9.38 -7.98 -18.07
N PHE A 40 -9.72 -8.55 -16.93
CA PHE A 40 -8.93 -9.60 -16.39
C PHE A 40 -9.57 -10.94 -16.07
N THR A 41 -8.85 -11.98 -16.53
CA THR A 41 -9.41 -13.34 -16.54
C THR A 41 -9.41 -13.86 -15.13
N SER A 42 -8.29 -13.66 -14.46
CA SER A 42 -7.95 -14.37 -13.22
C SER A 42 -7.34 -13.45 -12.20
N ILE A 43 -7.12 -13.99 -11.01
CA ILE A 43 -6.54 -13.22 -9.98
C ILE A 43 -5.57 -14.11 -9.20
N ARG A 44 -4.48 -13.46 -8.77
CA ARG A 44 -3.42 -14.18 -8.08
C ARG A 44 -3.39 -13.63 -6.66
N ARG A 45 -3.54 -14.51 -5.68
CA ARG A 45 -3.49 -14.09 -4.29
C ARG A 45 -2.03 -13.89 -3.84
N VAL A 46 -1.75 -12.62 -3.56
CA VAL A 46 -0.46 -12.22 -3.05
C VAL A 46 -0.57 -12.43 -1.54
N ARG A 47 0.55 -12.87 -0.96
CA ARG A 47 0.70 -13.04 0.48
C ARG A 47 0.67 -11.70 1.23
N GLY A 48 -0.10 -11.70 2.31
CA GLY A 48 -0.48 -10.51 3.09
C GLY A 48 0.35 -10.34 4.38
N ASP A 49 1.63 -10.10 4.17
CA ASP A 49 2.64 -10.20 5.25
C ASP A 49 3.22 -8.84 5.49
N ASN A 50 2.60 -7.76 5.03
CA ASN A 50 3.15 -6.40 5.26
C ASN A 50 4.17 -6.03 4.18
N TYR A 51 4.47 -6.97 3.29
CA TYR A 51 5.31 -6.64 2.12
C TYR A 51 4.38 -6.61 0.90
N CYS A 52 3.10 -6.86 1.11
CA CYS A 52 2.25 -7.18 -0.07
C CYS A 52 2.49 -6.14 -1.13
N ALA A 53 2.74 -4.89 -0.73
CA ALA A 53 2.85 -3.80 -1.75
C ALA A 53 4.01 -4.08 -2.66
N LEU A 54 5.18 -4.39 -2.13
CA LEU A 54 6.39 -4.53 -2.93
C LEU A 54 6.35 -5.79 -3.71
N ARG A 55 5.84 -6.84 -3.09
CA ARG A 55 5.78 -8.20 -3.67
C ARG A 55 4.96 -8.13 -4.94
N ALA A 56 3.76 -7.60 -4.80
CA ALA A 56 2.79 -7.47 -5.90
C ALA A 56 3.47 -6.73 -7.02
N THR A 57 3.91 -5.49 -6.77
CA THR A 57 4.55 -4.66 -7.78
C THR A 57 5.73 -5.37 -8.44
N LEU A 58 6.66 -5.76 -7.62
CA LEU A 58 7.91 -6.32 -8.12
C LEU A 58 7.60 -7.62 -8.84
N PHE A 59 6.64 -8.41 -8.39
CA PHE A 59 6.35 -9.66 -9.06
C PHE A 59 5.95 -9.33 -10.49
N GLN A 60 5.13 -8.31 -10.60
CA GLN A 60 4.51 -7.89 -11.86
C GLN A 60 5.62 -7.37 -12.80
N ALA A 61 6.29 -6.34 -12.32
CA ALA A 61 7.31 -5.72 -13.07
C ALA A 61 8.20 -6.83 -13.53
N MET A 62 8.68 -7.70 -12.66
CA MET A 62 9.66 -8.69 -13.12
C MET A 62 9.09 -9.75 -14.04
N SER A 63 7.87 -10.19 -13.79
CA SER A 63 7.24 -11.27 -14.60
C SER A 63 7.12 -10.84 -16.04
N GLN A 64 6.87 -9.56 -16.25
CA GLN A 64 6.72 -9.02 -17.60
C GLN A 64 7.99 -8.40 -18.19
N ALA A 65 9.08 -8.51 -17.44
CA ALA A 65 10.42 -7.94 -17.82
C ALA A 65 10.79 -8.19 -19.25
N VAL A 66 10.93 -7.10 -20.00
CA VAL A 66 10.99 -7.16 -21.48
C VAL A 66 12.44 -6.89 -21.89
N GLY A 67 12.95 -5.78 -21.39
CA GLY A 67 14.38 -5.51 -21.27
C GLY A 67 14.57 -5.15 -19.82
N LEU A 68 15.82 -5.21 -19.38
CA LEU A 68 16.23 -4.79 -18.07
C LEU A 68 16.21 -3.26 -18.10
N PRO A 69 15.45 -2.63 -17.19
CA PRO A 69 15.48 -1.15 -17.26
C PRO A 69 16.87 -0.56 -16.91
N PRO A 70 17.25 0.51 -17.62
CA PRO A 70 18.57 1.13 -17.49
C PRO A 70 18.91 1.50 -16.05
N TRP A 71 17.94 2.03 -15.36
CA TRP A 71 18.26 2.45 -14.02
C TRP A 71 18.94 1.30 -13.27
N LEU A 72 18.41 0.09 -13.51
CA LEU A 72 19.04 -1.09 -12.87
C LEU A 72 20.35 -1.44 -13.58
N GLN A 73 20.39 -1.33 -14.90
CA GLN A 73 21.53 -1.68 -15.70
C GLN A 73 22.78 -0.86 -15.40
N ASP A 74 22.60 0.43 -15.10
CA ASP A 74 23.69 1.28 -14.62
C ASP A 74 24.47 0.64 -13.47
N PRO A 75 25.79 0.46 -13.64
CA PRO A 75 26.55 -0.11 -12.52
C PRO A 75 27.04 0.88 -11.42
N GLU A 76 26.62 2.15 -11.44
CA GLU A 76 26.90 3.10 -10.33
C GLU A 76 25.96 2.84 -9.15
N LEU A 77 24.85 2.22 -9.49
CA LEU A 77 23.93 1.68 -8.53
C LEU A 77 24.61 0.79 -7.47
N MET A 78 25.60 0.02 -7.90
CA MET A 78 26.35 -0.83 -7.01
C MET A 78 27.07 0.03 -5.97
N LEU A 79 27.60 1.17 -6.43
CA LEU A 79 28.45 2.00 -5.53
C LEU A 79 27.57 2.93 -4.66
N LEU A 80 26.29 3.08 -4.98
CA LEU A 80 25.39 3.87 -4.25
C LEU A 80 25.14 3.46 -2.78
N PRO A 81 25.08 2.14 -2.47
CA PRO A 81 24.85 1.84 -1.04
C PRO A 81 25.97 2.33 -0.18
N GLU A 82 27.21 2.18 -0.59
CA GLU A 82 28.36 2.74 0.18
C GLU A 82 28.27 4.25 0.30
N LYS A 83 27.99 4.91 -0.82
CA LYS A 83 27.91 6.37 -0.88
C LYS A 83 26.91 6.95 0.13
N LEU A 84 25.72 6.40 0.17
CA LEU A 84 24.66 7.03 1.01
C LEU A 84 25.05 6.90 2.50
N ILE A 85 25.47 5.70 2.85
CA ILE A 85 25.98 5.39 4.18
C ILE A 85 27.15 6.24 4.66
N SER A 86 28.11 6.45 3.77
CA SER A 86 29.16 7.37 4.05
C SER A 86 28.59 8.75 4.43
N LYS A 87 27.85 9.38 3.52
CA LYS A 87 27.26 10.71 3.69
C LYS A 87 26.28 10.82 4.85
N TYR A 88 25.24 10.03 4.80
CA TYR A 88 24.17 10.07 5.84
C TYR A 88 24.37 8.81 6.72
N ASN A 89 24.92 9.06 7.89
CA ASN A 89 25.25 7.96 8.78
C ASN A 89 23.99 7.44 9.42
N TRP A 90 23.00 8.28 9.73
CA TRP A 90 21.74 7.80 10.31
C TRP A 90 21.12 6.67 9.54
N ILE A 91 21.61 6.34 8.33
CA ILE A 91 21.15 5.18 7.60
C ILE A 91 21.50 3.85 8.28
N LYS A 92 22.50 3.87 9.17
CA LYS A 92 22.77 2.73 10.03
C LYS A 92 21.61 2.42 11.01
N GLN A 93 20.70 3.35 11.22
CA GLN A 93 19.45 3.12 11.87
C GLN A 93 18.49 2.17 11.11
N TRP A 94 18.90 1.67 9.95
CA TRP A 94 18.27 0.67 9.19
C TRP A 94 17.77 -0.57 9.99
N LYS A 95 16.50 -1.02 9.81
CA LYS A 95 15.86 -2.21 10.52
C LYS A 95 15.40 -3.38 9.57
N LEU A 96 16.26 -4.39 9.47
CA LEU A 96 16.09 -5.56 8.60
C LEU A 96 14.95 -6.47 9.08
N GLY A 97 14.29 -7.23 8.18
CA GLY A 97 13.40 -8.40 8.56
C GLY A 97 14.15 -9.73 8.35
N LEU A 98 15.02 -9.68 7.32
CA LEU A 98 15.87 -10.78 6.80
C LEU A 98 16.56 -10.27 5.49
N ASP A 106 30.21 -5.29 7.25
CA ASP A 106 28.87 -5.60 7.74
C ASP A 106 27.66 -4.99 6.92
N LEU A 107 26.96 -3.94 7.37
CA LEU A 107 25.55 -3.72 6.96
C LEU A 107 25.46 -3.31 5.47
N VAL A 108 26.31 -2.39 5.07
CA VAL A 108 26.35 -1.93 3.67
C VAL A 108 26.56 -3.13 2.75
N ASP A 109 27.49 -4.01 3.13
CA ASP A 109 27.81 -5.16 2.28
C ASP A 109 26.53 -5.89 1.98
N LYS A 110 25.80 -6.10 3.06
CA LYS A 110 24.49 -6.86 3.03
C LYS A 110 23.56 -6.20 2.02
N ILE A 111 23.43 -4.88 2.09
CA ILE A 111 22.55 -4.20 1.13
C ILE A 111 23.09 -4.31 -0.27
N LYS A 112 24.39 -4.10 -0.40
CA LYS A 112 24.99 -4.11 -1.73
C LYS A 112 24.66 -5.46 -2.34
N GLU A 113 24.80 -6.48 -1.50
CA GLU A 113 24.56 -7.85 -1.97
C GLU A 113 23.09 -7.92 -2.42
N SER A 114 22.18 -7.32 -1.64
CA SER A 114 20.78 -7.38 -1.93
C SER A 114 20.46 -6.73 -3.31
N LEU A 115 21.01 -5.57 -3.51
CA LEU A 115 20.80 -4.83 -4.76
C LEU A 115 21.43 -5.58 -5.94
N THR A 116 22.59 -6.18 -5.69
CA THR A 116 23.30 -6.91 -6.75
C THR A 116 22.42 -8.08 -7.21
N LEU A 117 21.74 -8.70 -6.21
CA LEU A 117 20.81 -9.78 -6.46
C LEU A 117 19.68 -9.25 -7.43
N LEU A 118 19.03 -8.17 -7.04
CA LEU A 118 18.02 -7.59 -7.84
C LEU A 118 18.41 -7.41 -9.29
N ARG A 119 19.54 -6.71 -9.52
CA ARG A 119 20.09 -6.51 -10.90
C ARG A 119 20.17 -7.85 -11.63
N LYS A 120 20.90 -8.80 -11.04
CA LYS A 120 21.07 -10.17 -11.62
C LYS A 120 19.73 -10.86 -11.94
N LYS A 121 18.88 -11.01 -10.95
CA LYS A 121 17.61 -11.69 -11.13
C LYS A 121 16.75 -11.03 -12.22
N TRP A 122 16.76 -9.72 -12.25
CA TRP A 122 15.86 -9.01 -13.20
C TRP A 122 16.38 -9.23 -14.62
N ALA A 123 17.68 -9.15 -14.77
CA ALA A 123 18.31 -9.41 -16.08
C ALA A 123 18.04 -10.82 -16.55
N GLY A 124 18.03 -11.82 -15.64
CA GLY A 124 17.73 -13.17 -16.02
C GLY A 124 16.41 -13.31 -16.79
N LEU A 125 15.43 -12.54 -16.35
CA LEU A 125 14.09 -12.57 -16.87
C LEU A 125 14.00 -11.74 -18.14
N ALA A 126 14.78 -10.74 -18.29
CA ALA A 126 14.80 -9.92 -19.51
C ALA A 126 15.38 -10.76 -20.60
N GLU A 127 16.56 -11.35 -20.38
CA GLU A 127 17.24 -12.11 -21.42
C GLU A 127 16.50 -13.36 -21.87
N MET A 128 15.40 -13.69 -21.19
CA MET A 128 14.48 -14.74 -21.60
C MET A 128 13.98 -14.62 -23.05
N ARG A 129 13.65 -15.76 -23.61
CA ARG A 129 13.24 -15.87 -25.00
C ARG A 129 11.73 -15.84 -25.14
N THR A 130 11.06 -16.73 -24.43
CA THR A 130 9.60 -16.72 -24.37
C THR A 130 9.22 -15.88 -23.15
N ALA A 131 7.94 -15.57 -23.06
CA ALA A 131 7.32 -14.94 -21.89
C ALA A 131 6.63 -15.88 -20.92
N GLU A 132 6.33 -17.09 -21.46
CA GLU A 132 5.92 -18.25 -20.68
C GLU A 132 7.17 -18.49 -19.86
N ALA A 133 8.32 -18.69 -20.52
CA ALA A 133 9.56 -18.99 -19.83
C ALA A 133 9.81 -17.88 -18.79
N ARG A 134 9.73 -16.62 -19.21
CA ARG A 134 9.86 -15.50 -18.32
C ARG A 134 9.09 -15.61 -17.01
N GLN A 135 7.85 -16.04 -17.07
CA GLN A 135 6.92 -16.02 -15.94
C GLN A 135 7.05 -17.27 -15.07
N ILE A 136 7.15 -18.39 -15.76
CA ILE A 136 7.54 -19.68 -15.14
C ILE A 136 8.71 -19.35 -14.22
N ALA A 137 9.80 -18.79 -14.78
CA ALA A 137 10.94 -18.35 -14.02
C ALA A 137 10.64 -17.48 -12.81
N CYS A 138 9.70 -16.55 -12.98
CA CYS A 138 9.30 -15.60 -11.97
C CYS A 138 8.53 -16.11 -10.78
N ASP A 139 7.71 -17.15 -10.99
CA ASP A 139 7.08 -17.82 -9.86
C ASP A 139 8.11 -18.55 -9.04
N GLU A 140 9.19 -19.07 -9.63
CA GLU A 140 10.21 -19.74 -8.82
C GLU A 140 11.15 -18.81 -8.08
N LEU A 141 11.08 -17.54 -8.39
CA LEU A 141 11.70 -16.49 -7.54
C LEU A 141 10.92 -16.36 -6.22
N PHE A 142 9.59 -16.22 -6.35
CA PHE A 142 8.74 -15.89 -5.21
C PHE A 142 8.28 -17.14 -4.47
N THR A 143 8.51 -18.31 -5.06
CA THR A 143 8.34 -19.59 -4.34
C THR A 143 9.28 -19.42 -3.13
N ASN A 144 10.54 -19.04 -3.47
CA ASN A 144 11.64 -19.06 -2.51
C ASN A 144 11.51 -18.02 -1.35
N GLU A 145 12.24 -18.33 -0.26
CA GLU A 145 12.21 -17.66 1.01
C GLU A 145 13.22 -16.51 1.07
N ALA A 146 14.50 -16.84 1.03
CA ALA A 146 15.51 -15.84 1.47
C ALA A 146 15.81 -14.84 0.40
N GLU A 147 15.96 -15.29 -0.85
CA GLU A 147 16.22 -14.44 -2.02
C GLU A 147 15.17 -13.34 -2.15
N GLU A 148 13.91 -13.75 -2.07
CA GLU A 148 12.78 -12.80 -2.22
C GLU A 148 12.95 -11.68 -1.20
N TYR A 149 12.99 -12.05 0.05
CA TYR A 149 12.99 -11.01 1.12
C TYR A 149 14.17 -10.12 1.04
N SER A 150 15.26 -10.56 0.38
CA SER A 150 16.39 -9.67 0.11
C SER A 150 15.96 -8.57 -0.91
N LEU A 151 15.26 -8.95 -1.94
CA LEU A 151 14.79 -8.01 -2.93
C LEU A 151 14.01 -6.88 -2.34
N TYR A 152 13.32 -7.12 -1.23
CA TYR A 152 12.56 -6.06 -0.58
C TYR A 152 13.49 -5.09 0.20
N GLU A 153 14.54 -5.61 0.81
CA GLU A 153 15.54 -4.75 1.40
C GLU A 153 16.21 -3.88 0.30
N ALA A 154 16.45 -4.42 -0.87
CA ALA A 154 16.92 -3.58 -1.93
C ALA A 154 15.91 -2.50 -2.32
N VAL A 155 14.67 -2.84 -2.45
CA VAL A 155 13.66 -1.88 -2.95
C VAL A 155 13.42 -0.84 -1.97
N LYS A 156 13.26 -1.25 -0.76
CA LYS A 156 13.09 -0.27 0.30
C LYS A 156 14.28 0.71 0.28
N PHE A 157 15.47 0.16 0.03
CA PHE A 157 16.64 1.03 0.01
C PHE A 157 16.32 2.01 -1.10
N LEU A 158 16.13 1.57 -2.36
CA LEU A 158 15.89 2.44 -3.46
C LEU A 158 14.81 3.55 -3.20
N MET A 159 13.80 3.18 -2.41
CA MET A 159 12.78 4.11 -2.02
C MET A 159 13.49 5.14 -1.22
N LEU A 160 14.11 4.79 -0.12
CA LEU A 160 14.88 5.77 0.71
C LEU A 160 15.86 6.60 -0.08
N ASN A 161 16.67 5.98 -0.93
CA ASN A 161 17.53 6.81 -1.82
C ASN A 161 16.73 7.90 -2.45
N ARG A 162 15.65 7.52 -3.11
CA ARG A 162 14.90 8.47 -3.84
C ARG A 162 14.29 9.51 -2.91
N ALA A 163 13.83 9.12 -1.76
CA ALA A 163 13.27 10.07 -0.82
C ALA A 163 14.32 11.16 -0.48
N ILE A 164 15.54 10.71 -0.22
CA ILE A 164 16.65 11.64 0.04
C ILE A 164 16.77 12.59 -1.18
N GLU A 165 16.99 11.98 -2.33
CA GLU A 165 17.24 12.67 -3.58
C GLU A 165 16.25 13.80 -3.68
N LEU A 166 14.99 13.46 -3.53
CA LEU A 166 13.90 14.45 -3.66
C LEU A 166 13.88 15.53 -2.57
N TYR A 167 13.93 15.12 -1.30
CA TYR A 167 13.95 16.06 -0.20
C TYR A 167 15.03 17.15 -0.40
N ASN A 168 16.20 16.68 -0.87
CA ASN A 168 17.35 17.56 -1.03
C ASN A 168 16.99 18.58 -2.13
N ASP A 169 16.48 18.06 -3.24
CA ASP A 169 16.01 18.90 -4.35
C ASP A 169 14.97 19.93 -3.93
N LYS A 170 13.98 19.54 -3.13
CA LYS A 170 12.98 20.44 -2.61
C LYS A 170 13.80 21.52 -1.90
N GLU A 171 14.63 21.15 -0.93
CA GLU A 171 15.29 22.18 -0.15
C GLU A 171 16.12 23.11 -1.03
N LYS A 172 16.68 22.61 -2.13
CA LYS A 172 17.48 23.46 -3.01
C LYS A 172 16.65 24.39 -3.88
N GLY A 173 15.36 24.42 -3.70
CA GLY A 173 14.48 25.19 -4.53
C GLY A 173 14.07 24.54 -5.84
N LYS A 174 14.48 23.29 -6.06
CA LYS A 174 14.40 22.62 -7.35
C LYS A 174 13.02 22.00 -7.56
N GLU A 175 12.66 21.71 -8.81
CA GLU A 175 11.28 21.22 -9.15
C GLU A 175 11.18 19.76 -8.78
N VAL A 176 10.20 19.39 -7.93
CA VAL A 176 9.97 18.04 -7.50
C VAL A 176 8.51 17.66 -7.63
N PRO A 177 8.23 16.34 -7.54
CA PRO A 177 6.89 15.79 -7.55
C PRO A 177 6.06 16.17 -6.38
N PHE A 178 4.83 16.52 -6.60
CA PHE A 178 4.15 17.05 -5.51
C PHE A 178 3.94 16.03 -4.42
N PHE A 179 3.84 14.75 -4.71
CA PHE A 179 3.61 13.79 -3.63
C PHE A 179 4.72 13.89 -2.60
N SER A 180 5.92 14.16 -3.04
CA SER A 180 7.04 14.18 -2.10
C SER A 180 6.85 15.35 -1.13
N VAL A 181 6.27 16.45 -1.59
CA VAL A 181 6.02 17.59 -0.71
C VAL A 181 5.17 17.11 0.48
N LEU A 182 4.20 16.24 0.23
CA LEU A 182 3.26 15.85 1.23
C LEU A 182 3.83 14.70 2.06
N LEU A 183 4.62 13.88 1.42
CA LEU A 183 5.40 12.86 2.06
C LEU A 183 6.19 13.42 3.28
N PHE A 184 6.92 14.49 3.03
CA PHE A 184 7.70 15.14 4.05
C PHE A 184 6.93 16.18 4.84
N ALA A 185 5.63 16.31 4.59
CA ALA A 185 4.76 17.21 5.38
C ALA A 185 4.26 16.49 6.67
N ARG A 186 4.34 15.18 6.64
CA ARG A 186 3.79 14.38 7.75
C ARG A 186 4.68 14.58 8.99
N ASP A 187 4.00 14.62 10.12
CA ASP A 187 4.69 14.91 11.41
C ASP A 187 5.82 13.90 11.67
N THR A 188 5.51 12.66 11.32
CA THR A 188 6.41 11.53 11.60
C THR A 188 7.36 11.33 10.45
N SER A 189 7.18 12.08 9.33
CA SER A 189 8.08 11.90 8.20
C SER A 189 8.71 13.21 7.64
N ASN A 190 9.11 14.09 8.56
CA ASN A 190 9.61 15.40 8.15
C ASN A 190 10.86 15.36 7.26
N ASP A 191 11.74 14.40 7.49
CA ASP A 191 12.99 14.32 6.74
C ASP A 191 13.39 12.85 6.52
N PRO A 192 14.29 12.60 5.55
CA PRO A 192 14.56 11.18 5.20
C PRO A 192 14.88 10.30 6.42
N GLY A 193 15.70 10.82 7.32
CA GLY A 193 15.87 10.18 8.62
C GLY A 193 14.54 9.82 9.25
N GLN A 194 13.63 10.77 9.33
CA GLN A 194 12.39 10.54 10.10
C GLN A 194 11.54 9.43 9.44
N LEU A 195 11.30 9.62 8.14
CA LEU A 195 10.67 8.62 7.27
C LEU A 195 11.16 7.22 7.60
N LEU A 196 12.50 7.08 7.55
CA LEU A 196 13.15 5.75 7.70
C LEU A 196 12.85 5.13 9.05
N ARG A 197 13.18 5.86 10.11
CA ARG A 197 12.94 5.40 11.48
C ARG A 197 11.45 5.09 11.69
N ASN A 198 10.58 5.93 11.13
CA ASN A 198 9.16 5.79 11.40
C ASN A 198 8.29 5.11 10.38
N HIS A 199 8.77 4.89 9.17
CA HIS A 199 7.89 4.31 8.14
C HIS A 199 8.47 3.10 7.40
N LEU A 200 9.67 3.29 6.84
CA LEU A 200 10.40 2.29 6.05
C LEU A 200 10.86 1.12 6.92
N ASN A 201 11.44 1.42 8.07
CA ASN A 201 11.89 0.33 8.94
C ASN A 201 10.74 -0.60 9.35
N GLN A 202 9.54 -0.07 9.51
CA GLN A 202 8.44 -0.83 10.06
C GLN A 202 7.75 -1.66 9.02
N VAL A 203 8.11 -1.44 7.77
CA VAL A 203 7.51 -2.21 6.69
C VAL A 203 8.01 -3.65 6.83
N GLY A 204 7.07 -4.61 6.76
CA GLY A 204 7.43 -6.00 6.98
C GLY A 204 7.64 -6.26 8.43
N HIS A 205 7.29 -5.29 9.27
CA HIS A 205 7.22 -5.51 10.72
C HIS A 205 5.85 -5.11 11.26
N THR A 206 5.72 -3.85 11.64
CA THR A 206 4.44 -3.35 12.12
C THR A 206 3.41 -3.02 11.04
N GLY A 207 3.86 -2.51 9.87
CA GLY A 207 2.91 -1.98 8.92
C GLY A 207 3.34 -1.88 7.50
N GLY A 208 2.39 -1.62 6.64
CA GLY A 208 2.60 -1.54 5.18
C GLY A 208 2.90 -0.15 4.65
N LEU A 209 2.94 -0.03 3.35
CA LEU A 209 3.07 1.30 2.68
C LEU A 209 1.78 2.16 2.75
N GLU A 210 1.89 3.40 3.12
CA GLU A 210 0.77 4.30 2.91
C GLU A 210 0.63 4.62 1.49
N GLN A 211 -0.50 5.22 1.11
CA GLN A 211 -0.68 5.54 -0.28
C GLN A 211 0.39 6.51 -0.76
N VAL A 212 0.74 7.49 0.06
CA VAL A 212 1.78 8.44 -0.36
C VAL A 212 3.09 7.75 -0.68
N GLU A 213 3.33 6.62 -0.03
CA GLU A 213 4.54 5.82 -0.22
C GLU A 213 4.48 4.82 -1.40
N MET A 214 3.26 4.56 -1.87
CA MET A 214 3.09 3.87 -3.14
C MET A 214 3.78 4.71 -4.24
N PHE A 215 3.42 5.97 -4.26
CA PHE A 215 4.06 6.99 -5.08
C PHE A 215 5.56 6.69 -4.96
N LEU A 216 6.06 6.68 -3.72
CA LEU A 216 7.52 6.59 -3.57
C LEU A 216 8.04 5.35 -4.22
N LEU A 217 7.32 4.23 -4.04
CA LEU A 217 7.65 2.93 -4.65
C LEU A 217 7.81 2.93 -6.18
N ALA A 218 6.78 3.40 -6.88
CA ALA A 218 6.82 3.55 -8.30
C ALA A 218 8.10 4.33 -8.71
N TYR A 219 8.35 5.42 -8.02
CA TYR A 219 9.49 6.25 -8.36
C TYR A 219 10.77 5.47 -8.22
N ALA A 220 10.87 4.72 -7.11
CA ALA A 220 12.10 3.95 -6.80
C ALA A 220 12.45 2.98 -7.92
N VAL A 221 11.46 2.31 -8.48
CA VAL A 221 11.70 1.33 -9.51
C VAL A 221 11.31 1.83 -10.90
N ARG A 222 10.84 3.08 -10.98
CA ARG A 222 10.42 3.66 -12.25
C ARG A 222 9.45 2.71 -13.04
N HIS A 223 8.38 2.30 -12.31
CA HIS A 223 7.26 1.63 -12.91
C HIS A 223 6.07 2.35 -12.40
N THR A 224 5.12 2.64 -13.27
CA THR A 224 3.83 3.16 -12.91
C THR A 224 2.98 2.10 -12.30
N ILE A 225 2.37 2.35 -11.15
CA ILE A 225 1.48 1.42 -10.47
C ILE A 225 0.04 1.88 -10.57
N GLN A 226 -0.77 1.00 -11.06
CA GLN A 226 -2.09 1.36 -11.38
C GLN A 226 -2.96 0.41 -10.63
N VAL A 227 -3.92 0.93 -9.87
CA VAL A 227 -4.64 0.04 -8.98
C VAL A 227 -6.17 0.15 -9.08
N TYR A 228 -6.83 -1.00 -9.18
CA TYR A 228 -8.23 -1.11 -9.04
C TYR A 228 -8.58 -1.13 -7.59
N ARG A 229 -9.17 -0.07 -7.04
CA ARG A 229 -9.54 -0.03 -5.66
C ARG A 229 -11.00 -0.13 -5.64
N LEU A 230 -11.41 -1.31 -5.17
CA LEU A 230 -12.84 -1.75 -5.23
C LEU A 230 -13.66 -0.82 -4.33
N SER A 231 -13.16 -0.54 -3.16
CA SER A 231 -13.71 0.46 -2.23
C SER A 231 -14.20 1.73 -2.97
N LYS A 232 -13.46 2.11 -4.02
CA LYS A 232 -13.69 3.32 -4.75
C LYS A 232 -14.48 3.19 -6.03
N TYR A 233 -15.11 2.03 -6.23
CA TYR A 233 -15.85 1.74 -7.44
C TYR A 233 -16.91 2.77 -7.73
N ASN A 234 -17.02 3.13 -9.00
CA ASN A 234 -18.04 4.12 -9.41
C ASN A 234 -17.59 5.47 -8.85
N THR A 235 -16.26 5.70 -8.70
CA THR A 235 -15.76 7.04 -8.44
C THR A 235 -14.44 7.23 -9.17
N GLU A 236 -14.02 8.51 -9.18
CA GLU A 236 -12.82 8.98 -9.87
C GLU A 236 -11.70 7.99 -9.54
N GLU A 237 -11.62 7.57 -8.28
CA GLU A 237 -10.47 6.86 -7.76
C GLU A 237 -10.38 5.36 -8.02
N PHE A 238 -11.48 4.74 -8.43
CA PHE A 238 -11.53 3.32 -8.78
C PHE A 238 -10.27 2.72 -9.43
N ILE A 239 -9.79 3.35 -10.48
CA ILE A 239 -8.49 3.07 -11.02
C ILE A 239 -7.61 4.23 -10.63
N THR A 240 -6.91 4.06 -9.50
CA THR A 240 -5.99 5.00 -8.92
C THR A 240 -4.59 4.81 -9.53
N VAL A 241 -3.91 5.87 -9.88
CA VAL A 241 -2.60 5.63 -10.52
C VAL A 241 -1.48 6.37 -9.78
N TYR A 242 -0.46 5.61 -9.46
CA TYR A 242 0.80 6.10 -8.89
C TYR A 242 1.88 6.01 -9.91
N PRO A 243 2.50 7.11 -10.25
CA PRO A 243 2.03 8.49 -9.91
C PRO A 243 0.82 8.81 -10.75
N THR A 244 0.13 9.90 -10.39
CA THR A 244 -1.06 10.37 -11.11
C THR A 244 -0.79 10.79 -12.59
N ASP A 245 0.40 11.28 -12.87
CA ASP A 245 0.69 11.76 -14.21
C ASP A 245 1.98 11.10 -14.59
N PRO A 246 1.87 9.81 -14.84
CA PRO A 246 3.11 8.96 -14.95
C PRO A 246 3.86 9.29 -16.20
N PRO A 247 5.18 9.04 -16.19
CA PRO A 247 6.02 9.34 -17.38
C PRO A 247 5.74 8.49 -18.60
N LYS A 248 5.89 9.10 -19.80
CA LYS A 248 5.63 8.44 -21.13
C LYS A 248 6.17 6.96 -21.18
N ASP A 249 7.35 6.82 -20.56
CA ASP A 249 8.24 5.70 -20.77
C ASP A 249 8.01 4.61 -19.77
N TRP A 250 7.80 4.98 -18.52
CA TRP A 250 7.73 4.07 -17.36
C TRP A 250 6.74 2.98 -17.69
N PRO A 251 7.09 1.69 -17.41
CA PRO A 251 6.20 0.58 -17.66
C PRO A 251 5.16 0.56 -16.56
N VAL A 252 4.12 -0.25 -16.68
CA VAL A 252 2.96 -0.18 -15.82
C VAL A 252 2.66 -1.56 -15.25
N VAL A 253 2.32 -1.56 -13.97
CA VAL A 253 1.84 -2.80 -13.31
C VAL A 253 0.42 -2.58 -12.83
N THR A 254 -0.43 -3.61 -12.83
CA THR A 254 -1.77 -3.42 -12.31
C THR A 254 -1.99 -4.27 -11.06
N LEU A 255 -2.54 -3.66 -10.02
CA LEU A 255 -2.78 -4.35 -8.77
C LEU A 255 -4.23 -4.16 -8.46
N ILE A 256 -4.73 -4.89 -7.45
CA ILE A 256 -6.12 -4.75 -6.99
C ILE A 256 -6.06 -4.66 -5.48
N ALA A 257 -6.88 -3.72 -4.96
CA ALA A 257 -7.03 -3.51 -3.53
C ALA A 257 -8.47 -3.45 -3.18
N GLU A 258 -9.01 -4.47 -2.50
CA GLU A 258 -10.40 -4.37 -2.01
C GLU A 258 -10.64 -3.10 -1.20
N ASP A 259 -9.95 -2.91 -0.11
CA ASP A 259 -10.26 -1.76 0.74
C ASP A 259 -8.94 -1.16 1.27
N ASP A 260 -8.01 -0.91 0.34
CA ASP A 260 -6.76 -0.26 0.66
C ASP A 260 -5.88 -0.94 1.70
N ARG A 261 -6.13 -2.20 1.99
CA ARG A 261 -5.39 -2.88 3.09
C ARG A 261 -4.51 -4.05 2.60
N HIS A 262 -4.85 -4.59 1.44
CA HIS A 262 -3.98 -5.54 0.86
C HIS A 262 -3.99 -5.44 -0.66
N TYR A 263 -2.92 -5.90 -1.31
CA TYR A 263 -2.81 -5.90 -2.75
C TYR A 263 -2.68 -7.27 -3.36
N ASN A 264 -3.48 -7.55 -4.41
CA ASN A 264 -3.43 -8.80 -5.16
C ASN A 264 -3.22 -8.50 -6.65
N ILE A 265 -3.05 -9.52 -7.46
CA ILE A 265 -2.71 -9.40 -8.86
C ILE A 265 -3.79 -9.88 -9.83
N PRO A 266 -4.39 -8.99 -10.62
CA PRO A 266 -5.26 -9.41 -11.73
C PRO A 266 -4.45 -9.78 -12.94
N VAL A 267 -4.85 -10.87 -13.61
CA VAL A 267 -4.07 -11.46 -14.72
C VAL A 267 -4.80 -11.16 -16.00
N ARG A 268 -3.96 -10.76 -16.94
CA ARG A 268 -4.37 -10.40 -18.21
C ARG A 268 -4.79 -11.64 -18.98
N VAL A 269 -5.65 -11.34 -19.94
CA VAL A 269 -6.22 -12.38 -20.81
C VAL A 269 -5.10 -13.10 -21.60
N CYS A 270 -4.33 -12.31 -22.37
CA CYS A 270 -3.16 -12.76 -23.11
C CYS A 270 -1.90 -13.15 -22.30
N GLU A 271 -1.70 -12.47 -21.18
CA GLU A 271 -0.55 -12.79 -20.30
C GLU A 271 -0.77 -14.16 -19.67
N GLU A 272 -1.92 -14.82 -19.94
CA GLU A 272 -2.27 -16.02 -19.19
C GLU A 272 -1.24 -17.19 -19.34
N THR A 273 -1.19 -17.95 -18.26
CA THR A 273 -0.79 -19.37 -18.30
C THR A 273 -2.03 -20.31 -18.51
N MET B 1 -17.93 30.34 3.06
CA MET B 1 -16.74 30.02 2.18
C MET B 1 -16.56 28.57 1.75
N GLN B 2 -16.29 28.36 0.47
CA GLN B 2 -15.95 27.06 -0.06
C GLN B 2 -14.46 26.86 0.22
N ILE B 3 -14.05 25.61 0.42
CA ILE B 3 -12.66 25.23 0.29
C ILE B 3 -12.57 23.92 -0.44
N PHE B 4 -11.38 23.53 -0.86
CA PHE B 4 -11.18 22.27 -1.56
C PHE B 4 -10.30 21.34 -0.73
N VAL B 5 -10.60 20.06 -0.73
CA VAL B 5 -9.73 19.10 -0.13
C VAL B 5 -9.31 18.24 -1.23
N LYS B 6 -8.03 18.11 -1.56
CA LYS B 6 -7.52 17.21 -2.59
C LYS B 6 -6.98 15.92 -2.02
N THR B 7 -7.21 14.85 -2.77
CA THR B 7 -6.64 13.51 -2.41
C THR B 7 -5.39 13.34 -3.21
N LEU B 8 -4.65 12.25 -3.00
CA LEU B 8 -3.48 11.96 -3.83
C LEU B 8 -3.80 11.32 -5.17
N THR B 9 -5.08 11.13 -5.52
CA THR B 9 -5.46 10.81 -6.89
C THR B 9 -5.94 12.05 -7.61
N GLY B 10 -5.79 13.22 -7.00
CA GLY B 10 -6.18 14.49 -7.62
C GLY B 10 -7.67 14.80 -7.51
N LYS B 11 -8.39 13.82 -6.91
CA LYS B 11 -9.81 13.99 -6.69
C LYS B 11 -10.02 15.14 -5.75
N THR B 12 -10.97 16.01 -6.14
CA THR B 12 -11.28 17.22 -5.39
C THR B 12 -12.62 17.17 -4.72
N ILE B 13 -12.63 17.34 -3.43
CA ILE B 13 -13.82 17.46 -2.60
C ILE B 13 -14.04 18.95 -2.30
N THR B 14 -15.28 19.44 -2.55
CA THR B 14 -15.65 20.80 -2.19
C THR B 14 -16.41 20.82 -0.86
N LEU B 15 -15.96 21.66 0.08
CA LEU B 15 -16.70 21.91 1.32
C LEU B 15 -17.11 23.35 1.55
N GLU B 16 -18.25 23.56 2.20
CA GLU B 16 -18.65 24.87 2.72
C GLU B 16 -18.26 24.89 4.21
N VAL B 17 -17.39 25.81 4.56
CA VAL B 17 -16.77 25.90 5.88
C VAL B 17 -16.72 27.33 6.40
N GLU B 18 -16.50 27.50 7.70
CA GLU B 18 -16.39 28.84 8.28
C GLU B 18 -15.00 29.04 8.90
N PRO B 19 -14.53 30.29 8.93
CA PRO B 19 -13.12 30.49 9.42
C PRO B 19 -12.94 29.85 10.80
N SER B 20 -14.00 29.97 11.61
CA SER B 20 -14.04 29.54 12.99
C SER B 20 -14.18 28.04 13.16
N ASP B 21 -14.18 27.29 12.08
CA ASP B 21 -14.27 25.86 12.16
C ASP B 21 -12.93 25.26 12.54
N THR B 22 -12.98 24.09 13.15
CA THR B 22 -11.77 23.32 13.53
C THR B 22 -11.40 22.35 12.42
N ILE B 23 -10.23 21.75 12.54
CA ILE B 23 -9.80 20.62 11.73
C ILE B 23 -10.62 19.45 12.18
N GLU B 24 -10.77 19.23 13.50
CA GLU B 24 -11.70 18.14 13.94
C GLU B 24 -13.00 18.22 13.12
N ASN B 25 -13.50 19.43 12.95
CA ASN B 25 -14.72 19.66 12.15
C ASN B 25 -14.57 19.20 10.72
N VAL B 26 -13.46 19.58 10.11
CA VAL B 26 -13.31 19.37 8.65
C VAL B 26 -13.19 17.87 8.35
N LYS B 27 -12.33 17.22 9.12
CA LYS B 27 -12.19 15.75 9.07
C LYS B 27 -13.57 15.12 9.21
N ALA B 28 -14.32 15.57 10.17
CA ALA B 28 -15.65 15.09 10.40
C ALA B 28 -16.54 15.39 9.17
N LYS B 29 -16.45 16.60 8.62
CA LYS B 29 -17.08 16.88 7.35
C LYS B 29 -16.76 15.88 6.26
N ILE B 30 -15.44 15.65 6.06
CA ILE B 30 -14.91 14.73 5.06
C ILE B 30 -15.43 13.29 5.21
N GLN B 31 -15.71 12.92 6.47
CA GLN B 31 -16.39 11.67 6.72
C GLN B 31 -17.73 11.44 6.07
N ASP B 32 -18.52 12.46 5.81
CA ASP B 32 -19.79 12.22 5.13
C ASP B 32 -19.57 12.15 3.62
N LYS B 33 -18.93 13.22 3.17
CA LYS B 33 -18.70 13.38 1.72
C LYS B 33 -18.08 12.04 1.25
N GLU B 34 -17.19 11.47 2.05
CA GLU B 34 -16.29 10.44 1.57
C GLU B 34 -16.12 9.22 2.44
N GLY B 35 -16.90 9.07 3.53
CA GLY B 35 -16.66 7.90 4.38
C GLY B 35 -15.41 7.79 5.23
N ILE B 36 -14.40 8.65 5.07
CA ILE B 36 -13.12 8.34 5.69
C ILE B 36 -13.14 8.71 7.15
N PRO B 37 -12.89 7.73 8.02
CA PRO B 37 -12.85 8.05 9.44
C PRO B 37 -11.72 9.02 9.71
N PRO B 38 -11.94 9.94 10.65
CA PRO B 38 -11.01 11.03 10.98
C PRO B 38 -9.65 10.51 11.45
N ASP B 39 -9.64 9.35 12.11
CA ASP B 39 -8.40 8.82 12.63
C ASP B 39 -7.47 8.60 11.47
N GLN B 40 -8.02 8.11 10.37
CA GLN B 40 -7.19 7.90 9.18
C GLN B 40 -6.66 9.18 8.56
N GLN B 41 -7.29 10.29 8.90
CA GLN B 41 -7.06 11.50 8.19
C GLN B 41 -5.84 12.36 8.63
N ARG B 42 -5.06 12.84 7.67
CA ARG B 42 -4.22 13.99 7.89
C ARG B 42 -4.57 15.05 6.86
N LEU B 43 -4.53 16.29 7.29
CA LEU B 43 -4.74 17.45 6.44
C LEU B 43 -3.41 18.23 6.38
N ILE B 44 -2.99 18.55 5.17
CA ILE B 44 -1.75 19.28 4.96
C ILE B 44 -2.07 20.62 4.33
N PHE B 45 -1.36 21.66 4.75
CA PHE B 45 -1.47 22.97 4.12
C PHE B 45 -0.17 23.66 4.30
N ALA B 46 0.42 24.18 3.22
CA ALA B 46 1.72 24.87 3.28
C ALA B 46 2.80 24.02 3.88
N GLY B 47 2.70 22.73 3.59
CA GLY B 47 3.72 21.73 4.03
C GLY B 47 3.68 21.42 5.49
N LYS B 48 2.61 21.87 6.14
CA LYS B 48 2.31 21.67 7.56
C LYS B 48 1.18 20.66 7.66
N GLN B 49 1.22 19.75 8.63
CA GLN B 49 0.09 18.87 8.99
C GLN B 49 -0.79 19.56 10.06
N LEU B 50 -2.05 19.77 9.81
CA LEU B 50 -2.84 20.68 10.62
C LEU B 50 -3.33 20.07 11.93
N GLU B 51 -3.25 20.80 13.04
CA GLU B 51 -3.70 20.24 14.34
C GLU B 51 -5.21 20.25 14.47
N ASP B 52 -5.81 19.17 14.97
CA ASP B 52 -7.26 19.09 15.16
C ASP B 52 -7.94 20.28 15.83
N GLY B 53 -7.29 20.78 16.89
CA GLY B 53 -7.80 21.90 17.68
C GLY B 53 -7.82 23.25 17.02
N ARG B 54 -6.75 23.58 16.31
CA ARG B 54 -6.62 24.92 15.68
C ARG B 54 -7.61 25.08 14.53
N THR B 55 -8.03 26.33 14.30
CA THR B 55 -9.10 26.65 13.35
C THR B 55 -8.54 26.98 11.97
N LEU B 56 -9.42 27.01 10.98
CA LEU B 56 -9.01 27.32 9.61
C LEU B 56 -8.41 28.70 9.51
N SER B 57 -9.07 29.65 10.19
CA SER B 57 -8.55 31.03 10.34
C SER B 57 -7.15 31.04 10.89
N ASP B 58 -6.88 30.21 11.91
CA ASP B 58 -5.57 30.09 12.50
C ASP B 58 -4.51 29.74 11.46
N TYR B 59 -4.80 28.79 10.60
CA TYR B 59 -3.92 28.37 9.56
C TYR B 59 -3.88 29.26 8.31
N ASN B 60 -4.46 30.45 8.47
CA ASN B 60 -4.72 31.43 7.42
C ASN B 60 -5.10 30.77 6.11
N ILE B 61 -6.25 30.12 6.13
CA ILE B 61 -6.83 29.37 5.04
C ILE B 61 -8.07 30.14 4.53
N GLN B 62 -8.23 30.18 3.22
CA GLN B 62 -9.19 31.09 2.59
C GLN B 62 -10.19 30.45 1.61
N LYS B 63 -11.25 31.20 1.37
CA LYS B 63 -12.17 30.94 0.26
C LYS B 63 -11.38 30.38 -0.92
N GLU B 64 -11.90 29.36 -1.57
CA GLU B 64 -11.22 28.71 -2.70
C GLU B 64 -9.74 28.29 -2.44
N SER B 65 -9.33 28.02 -1.19
CA SER B 65 -7.98 27.51 -1.00
C SER B 65 -7.99 25.98 -0.77
N THR B 66 -6.90 25.30 -1.00
CA THR B 66 -6.88 23.84 -1.15
C THR B 66 -6.03 23.16 -0.11
N LEU B 67 -6.66 22.23 0.61
CA LEU B 67 -5.97 21.37 1.58
C LEU B 67 -5.76 20.00 0.99
N HIS B 68 -4.80 19.28 1.48
CA HIS B 68 -4.50 17.91 1.01
C HIS B 68 -4.66 16.91 2.06
N LEU B 69 -5.30 15.82 1.65
CA LEU B 69 -5.65 14.74 2.50
C LEU B 69 -4.67 13.62 2.30
N VAL B 70 -3.97 13.24 3.35
CA VAL B 70 -2.91 12.20 3.32
C VAL B 70 -3.23 11.17 4.39
N LEU B 71 -3.78 10.03 3.98
CA LEU B 71 -4.27 9.04 4.94
C LEU B 71 -3.19 8.16 5.56
N ARG B 72 -3.47 7.67 6.77
CA ARG B 72 -2.55 6.83 7.55
C ARG B 72 -2.64 5.37 7.19
N LEU B 73 -3.65 5.03 6.41
CA LEU B 73 -4.01 3.65 6.04
C LEU B 73 -2.99 2.95 5.11
N ARG B 74 -2.66 1.65 5.38
CA ARG B 74 -1.55 0.86 4.74
C ARG B 74 -1.77 -0.56 4.16
N GLY B 75 -0.82 -0.91 3.29
CA GLY B 75 -0.81 -2.08 2.43
C GLY B 75 0.23 -3.20 2.72
N MET B 77 -1.89 -6.04 5.19
CA MET B 77 -2.00 -6.91 6.35
C MET B 77 -3.11 -7.94 6.18
N GLN B 78 -2.83 -9.18 6.57
CA GLN B 78 -3.82 -10.26 6.46
C GLN B 78 -3.94 -11.03 7.72
N ILE B 79 -5.11 -11.55 8.04
CA ILE B 79 -5.28 -12.34 9.28
C ILE B 79 -6.30 -13.44 9.12
N PHE B 80 -6.31 -14.41 10.00
CA PHE B 80 -7.19 -15.60 9.80
C PHE B 80 -8.26 -15.84 10.84
N VAL B 81 -9.43 -16.19 10.34
CA VAL B 81 -10.62 -16.38 11.12
C VAL B 81 -11.04 -17.83 10.85
N LYS B 82 -10.56 -18.70 11.75
CA LYS B 82 -10.91 -20.10 11.82
C LYS B 82 -12.36 -20.28 12.23
N THR B 83 -13.06 -21.26 11.69
CA THR B 83 -14.46 -21.44 12.06
C THR B 83 -14.80 -22.83 12.53
N LEU B 84 -16.02 -22.95 13.05
CA LEU B 84 -16.60 -24.21 13.52
C LEU B 84 -16.74 -25.25 12.40
N THR B 85 -17.02 -24.77 11.18
CA THR B 85 -17.15 -25.63 10.02
C THR B 85 -15.84 -26.20 9.51
N GLY B 86 -14.70 -25.63 9.98
CA GLY B 86 -13.39 -25.81 9.31
C GLY B 86 -12.90 -24.67 8.39
N LYS B 87 -13.91 -23.91 7.93
CA LYS B 87 -13.74 -22.87 6.92
C LYS B 87 -12.78 -21.84 7.47
N THR B 88 -11.74 -21.48 6.73
CA THR B 88 -10.85 -20.39 7.15
C THR B 88 -11.22 -19.12 6.33
N ILE B 89 -11.56 -18.05 7.07
CA ILE B 89 -11.86 -16.79 6.51
C ILE B 89 -10.59 -15.95 6.65
N THR B 90 -10.12 -15.43 5.51
CA THR B 90 -8.90 -14.67 5.40
C THR B 90 -9.30 -13.24 5.19
N LEU B 91 -8.80 -12.33 6.04
CA LEU B 91 -9.28 -10.94 6.05
C LEU B 91 -8.21 -9.95 5.72
N GLU B 92 -8.51 -8.99 4.84
CA GLU B 92 -7.59 -7.90 4.52
C GLU B 92 -7.74 -6.75 5.49
N VAL B 93 -6.76 -6.52 6.38
CA VAL B 93 -6.91 -5.58 7.47
C VAL B 93 -5.88 -4.44 7.63
N GLU B 94 -6.19 -3.51 8.53
CA GLU B 94 -5.24 -2.51 9.01
C GLU B 94 -5.20 -2.53 10.54
N PRO B 95 -4.00 -2.53 11.10
CA PRO B 95 -3.83 -2.60 12.55
C PRO B 95 -4.82 -1.68 13.26
N SER B 96 -5.02 -0.52 12.63
CA SER B 96 -6.00 0.47 13.08
C SER B 96 -7.43 -0.11 13.23
N ASP B 97 -7.76 -1.16 12.51
CA ASP B 97 -9.16 -1.55 12.42
C ASP B 97 -9.63 -2.13 13.74
N THR B 98 -10.88 -1.77 14.06
CA THR B 98 -11.49 -2.09 15.36
C THR B 98 -12.05 -3.53 15.26
N ILE B 99 -12.26 -4.15 16.42
CA ILE B 99 -12.93 -5.42 16.44
C ILE B 99 -14.32 -5.19 15.86
N GLU B 100 -14.90 -4.05 16.19
CA GLU B 100 -16.23 -3.67 15.71
C GLU B 100 -16.26 -3.77 14.17
N ASN B 101 -15.24 -3.20 13.55
CA ASN B 101 -15.10 -3.20 12.10
C ASN B 101 -14.93 -4.59 11.55
N VAL B 102 -14.15 -5.41 12.24
CA VAL B 102 -13.95 -6.81 11.83
C VAL B 102 -15.25 -7.65 11.82
N LYS B 103 -15.89 -7.79 12.98
CA LYS B 103 -17.19 -8.45 13.05
C LYS B 103 -17.96 -8.12 11.76
N ALA B 104 -17.95 -6.83 11.46
CA ALA B 104 -18.57 -6.26 10.26
C ALA B 104 -18.07 -6.75 8.93
N LYS B 105 -16.76 -6.82 8.72
CA LYS B 105 -16.18 -7.40 7.52
C LYS B 105 -16.66 -8.84 7.49
N ILE B 106 -16.40 -9.55 8.61
CA ILE B 106 -16.72 -10.97 8.73
C ILE B 106 -18.17 -11.21 8.27
N GLN B 107 -19.06 -10.32 8.70
CA GLN B 107 -20.43 -10.49 8.25
C GLN B 107 -20.41 -10.29 6.75
N ASP B 108 -19.66 -9.26 6.36
CA ASP B 108 -19.54 -8.97 4.90
C ASP B 108 -19.11 -10.25 4.14
N LYS B 109 -17.90 -10.73 4.46
CA LYS B 109 -17.32 -11.90 3.84
C LYS B 109 -18.02 -13.30 3.80
N GLU B 110 -18.62 -13.75 4.90
CA GLU B 110 -19.50 -14.90 4.82
C GLU B 110 -20.67 -14.96 5.86
N GLY B 111 -21.26 -13.77 6.09
CA GLY B 111 -22.69 -13.66 6.49
C GLY B 111 -23.12 -14.07 7.90
N ILE B 112 -22.25 -13.84 8.87
CA ILE B 112 -22.53 -14.18 10.25
C ILE B 112 -22.78 -12.86 10.95
N PRO B 113 -23.79 -12.80 11.87
CA PRO B 113 -24.18 -11.68 12.74
C PRO B 113 -23.28 -11.32 13.95
N PRO B 114 -22.84 -10.06 14.01
CA PRO B 114 -21.84 -9.66 15.02
C PRO B 114 -22.31 -9.90 16.46
N ASP B 115 -23.57 -9.54 16.78
CA ASP B 115 -24.20 -9.93 18.03
C ASP B 115 -24.10 -11.45 18.33
N GLN B 116 -23.73 -12.26 17.32
CA GLN B 116 -23.37 -13.65 17.53
C GLN B 116 -21.93 -14.03 17.35
N GLN B 117 -21.07 -13.08 17.01
CA GLN B 117 -19.69 -13.42 16.71
C GLN B 117 -18.85 -13.32 17.97
N ARG B 118 -18.34 -14.50 18.43
CA ARG B 118 -17.36 -14.50 19.50
C ARG B 118 -15.89 -14.62 19.02
N LEU B 119 -15.26 -13.46 18.82
CA LEU B 119 -13.91 -13.42 18.30
C LEU B 119 -12.91 -13.62 19.42
N ILE B 120 -11.87 -14.43 19.20
CA ILE B 120 -10.91 -14.77 20.22
C ILE B 120 -9.52 -14.31 19.71
N PHE B 121 -8.59 -14.11 20.60
CA PHE B 121 -7.16 -14.19 20.29
C PHE B 121 -6.44 -14.83 21.43
N ALA B 122 -5.72 -15.92 21.18
CA ALA B 122 -4.90 -16.57 22.21
C ALA B 122 -5.80 -16.80 23.44
N GLY B 123 -7.06 -17.15 23.16
CA GLY B 123 -8.05 -17.39 24.20
C GLY B 123 -8.70 -16.18 24.82
N LYS B 124 -8.50 -14.98 24.26
CA LYS B 124 -9.18 -13.81 24.82
C LYS B 124 -10.34 -13.30 24.00
N GLN B 125 -11.54 -13.22 24.59
CA GLN B 125 -12.67 -12.58 23.91
C GLN B 125 -12.44 -11.05 23.68
N LEU B 126 -13.11 -10.45 22.72
CA LEU B 126 -12.59 -9.22 22.10
C LEU B 126 -13.43 -7.92 22.03
N GLU B 127 -12.95 -6.92 22.78
CA GLU B 127 -13.63 -5.65 22.97
C GLU B 127 -13.89 -5.10 21.59
N ASP B 128 -15.17 -4.95 21.24
CA ASP B 128 -15.60 -4.39 19.97
C ASP B 128 -14.99 -3.00 19.77
N GLY B 129 -14.70 -2.31 20.86
CA GLY B 129 -14.10 -0.98 20.78
C GLY B 129 -12.59 -0.89 20.64
N ARG B 130 -11.90 -1.82 21.32
CA ARG B 130 -10.47 -2.02 21.14
C ARG B 130 -10.10 -2.32 19.67
N THR B 131 -8.82 -2.43 19.33
CA THR B 131 -8.37 -2.70 17.93
C THR B 131 -7.29 -3.76 17.91
N LEU B 132 -6.94 -4.14 16.69
CA LEU B 132 -5.94 -5.20 16.45
C LEU B 132 -4.61 -4.79 17.03
N SER B 133 -4.21 -3.54 16.72
CA SER B 133 -2.98 -2.94 17.24
C SER B 133 -2.81 -3.22 18.75
N ASP B 134 -3.86 -2.91 19.51
CA ASP B 134 -3.74 -2.89 20.99
C ASP B 134 -3.65 -4.30 21.41
N TYR B 135 -4.46 -5.17 20.78
CA TYR B 135 -4.37 -6.64 20.95
C TYR B 135 -3.06 -7.36 20.54
N ASN B 136 -2.08 -6.60 20.01
CA ASN B 136 -0.81 -7.12 19.44
C ASN B 136 -0.96 -8.40 18.51
N ILE B 137 -1.64 -8.12 17.43
CA ILE B 137 -1.86 -9.06 16.35
C ILE B 137 -0.87 -8.79 15.25
N GLN B 138 0.10 -9.71 15.06
CA GLN B 138 1.11 -9.56 14.02
C GLN B 138 0.42 -9.83 12.67
N LYS B 139 1.03 -9.39 11.56
CA LYS B 139 0.67 -9.96 10.25
C LYS B 139 0.55 -11.46 10.33
N GLU B 140 -0.56 -12.02 9.80
CA GLU B 140 -0.83 -13.43 9.76
C GLU B 140 -1.17 -14.14 11.06
N SER B 141 -1.40 -13.39 12.17
CA SER B 141 -2.03 -14.02 13.32
C SER B 141 -3.33 -14.78 12.94
N THR B 142 -3.56 -15.84 13.69
CA THR B 142 -4.72 -16.73 13.52
C THR B 142 -5.70 -16.52 14.68
N LEU B 143 -6.96 -16.29 14.33
CA LEU B 143 -8.03 -16.14 15.31
C LEU B 143 -9.13 -17.15 15.16
N HIS B 144 -9.79 -17.44 16.27
CA HIS B 144 -10.95 -18.32 16.37
C HIS B 144 -12.25 -17.49 16.53
N LEU B 145 -13.30 -18.10 16.03
CA LEU B 145 -14.67 -17.57 16.07
C LEU B 145 -15.66 -18.58 16.70
N VAL B 146 -16.69 -18.07 17.35
CA VAL B 146 -17.76 -18.89 17.87
C VAL B 146 -19.14 -18.36 17.49
#